data_4ZFX
#
_entry.id   4ZFX
#
_cell.length_a   114.530
_cell.length_b   114.530
_cell.length_c   119.496
_cell.angle_alpha   90.000
_cell.angle_beta   90.000
_cell.angle_gamma   90.000
#
_symmetry.space_group_name_H-M   'P 41 21 2'
#
loop_
_entity.id
_entity.type
_entity.pdbx_description
1 polymer 'Neutrophil gelatinase-associated lipocalin'
2 non-polymer 'THORIUM ION'
3 non-polymer "N,N',N''-[(3S,7S,11S)-2,6,10-trioxo-1,5,9-trioxacyclododecane-3,7,11-triyl]tris(2,3-dihydroxybenzamide)"
4 non-polymer 'SULFATE ION'
5 water water
#
_entity_poly.entity_id   1
_entity_poly.type   'polypeptide(L)'
_entity_poly.pdbx_seq_one_letter_code
;GSQDSTSDLIPAPPLSKVPLQQNFQDNQFQGKWYVVGLAGNAILREDKDPQKMYATIYELKEDKSYNVTSVLFRKKKCDY
WIRTFVPGSQPGEFTLGNIKSYPGLTSYLVRVVSTNYNQHAMVFFKKVSQNREYFKITLYGRTKELTSELKENFIRFSKS
LGLPENHIVFPVPIDQCIDG
;
_entity_poly.pdbx_strand_id   A,B,C
#
loop_
_chem_comp.id
_chem_comp.type
_chem_comp.name
_chem_comp.formula
EB4 non-polymer N,N',N''-[(3S,7S,11S)-2,6,10-trioxo-1,5,9-trioxacyclododecane-3,7,11-triyl]tris(2,3-dihydroxybenzamide) 'C30 H27 N3 O15'
SO4 non-polymer 'SULFATE ION' 'O4 S -2'
TH non-polymer 'THORIUM ION' 'Th 4'
#
# COMPACT_ATOMS: atom_id res chain seq x y z
N THR A 6 -25.06 18.94 -24.09
CA THR A 6 -23.62 19.32 -24.12
C THR A 6 -22.84 18.52 -23.08
N SER A 7 -21.74 17.95 -23.52
CA SER A 7 -20.86 17.21 -22.67
C SER A 7 -19.54 17.19 -23.38
N ASP A 8 -18.45 17.18 -22.60
CA ASP A 8 -17.11 17.13 -23.14
C ASP A 8 -16.35 16.06 -22.42
N LEU A 9 -15.84 15.10 -23.19
CA LEU A 9 -15.28 13.92 -22.60
C LEU A 9 -13.90 13.60 -23.12
N ILE A 10 -13.03 13.18 -22.22
CA ILE A 10 -11.75 12.64 -22.63
C ILE A 10 -12.03 11.34 -23.39
N PRO A 11 -11.43 11.15 -24.56
CA PRO A 11 -11.79 9.97 -25.35
C PRO A 11 -11.41 8.67 -24.65
N ALA A 12 -12.16 7.62 -24.90
CA ALA A 12 -11.75 6.29 -24.45
C ALA A 12 -10.50 5.92 -25.21
N PRO A 13 -9.56 5.27 -24.53
CA PRO A 13 -8.32 4.87 -25.16
C PRO A 13 -8.60 3.71 -26.08
N PRO A 14 -7.74 3.48 -27.05
CA PRO A 14 -7.94 2.23 -27.80
C PRO A 14 -7.71 1.03 -26.87
N LEU A 15 -8.43 -0.05 -27.11
CA LEU A 15 -8.30 -1.28 -26.33
C LEU A 15 -6.88 -1.87 -26.28
N SER A 16 -6.05 -1.55 -27.26
CA SER A 16 -4.67 -2.01 -27.28
C SER A 16 -3.82 -1.44 -26.14
N LYS A 17 -4.28 -0.35 -25.52
CA LYS A 17 -3.57 0.23 -24.37
C LYS A 17 -4.09 -0.32 -23.03
N VAL A 18 -5.05 -1.25 -23.07
CA VAL A 18 -5.63 -1.84 -21.85
C VAL A 18 -5.27 -3.33 -21.74
N PRO A 19 -4.27 -3.67 -20.92
CA PRO A 19 -3.90 -5.11 -20.86
C PRO A 19 -5.03 -6.00 -20.38
N LEU A 20 -4.86 -7.29 -20.62
CA LEU A 20 -5.74 -8.32 -20.09
C LEU A 20 -4.95 -9.23 -19.15
N GLN A 21 -5.50 -9.51 -17.97
CA GLN A 21 -4.90 -10.49 -17.07
C GLN A 21 -4.72 -11.84 -17.77
N GLN A 22 -3.50 -12.37 -17.79
CA GLN A 22 -3.25 -13.67 -18.43
C GLN A 22 -3.87 -14.80 -17.58
N ASN A 23 -4.51 -15.75 -18.27
CA ASN A 23 -5.05 -16.97 -17.69
C ASN A 23 -6.00 -16.68 -16.53
N PHE A 24 -6.99 -15.84 -16.80
CA PHE A 24 -7.93 -15.41 -15.80
C PHE A 24 -8.68 -16.56 -15.13
N GLN A 25 -8.71 -16.54 -13.78
CA GLN A 25 -9.35 -17.57 -12.97
C GLN A 25 -10.65 -17.04 -12.40
N ASP A 26 -11.75 -17.38 -13.05
CA ASP A 26 -13.04 -16.77 -12.72
C ASP A 26 -13.51 -17.15 -11.32
N ASN A 27 -13.27 -18.37 -10.91
CA ASN A 27 -13.60 -18.79 -9.54
C ASN A 27 -12.86 -17.99 -8.45
N GLN A 28 -11.59 -17.69 -8.69
CA GLN A 28 -10.75 -17.01 -7.73
C GLN A 28 -11.05 -15.54 -7.65
N PHE A 29 -11.68 -14.98 -8.70
CA PHE A 29 -11.98 -13.56 -8.73
C PHE A 29 -13.27 -13.24 -8.00
N GLN A 30 -14.02 -14.26 -7.60
CA GLN A 30 -15.28 -14.07 -6.89
C GLN A 30 -15.16 -13.47 -5.50
N GLY A 31 -16.31 -13.10 -4.93
CA GLY A 31 -16.36 -12.50 -3.60
C GLY A 31 -16.35 -11.00 -3.64
N LYS A 32 -16.14 -10.44 -2.45
CA LYS A 32 -16.23 -9.02 -2.24
C LYS A 32 -14.89 -8.36 -2.56
N TRP A 33 -14.97 -7.25 -3.31
CA TRP A 33 -13.88 -6.33 -3.56
C TRP A 33 -14.27 -4.91 -3.15
N TYR A 34 -13.40 -4.24 -2.41
CA TYR A 34 -13.58 -2.85 -2.09
C TYR A 34 -13.06 -1.96 -3.22
N VAL A 35 -13.79 -0.89 -3.54
CA VAL A 35 -13.27 0.11 -4.48
C VAL A 35 -12.37 1.13 -3.77
N VAL A 36 -11.08 0.87 -3.83
CA VAL A 36 -10.07 1.73 -3.21
C VAL A 36 -9.65 2.87 -4.11
N GLY A 37 -9.76 2.68 -5.41
CA GLY A 37 -9.39 3.71 -6.37
C GLY A 37 -10.40 3.71 -7.49
N LEU A 38 -10.67 4.88 -8.02
CA LEU A 38 -11.65 5.01 -9.06
C LEU A 38 -11.27 6.16 -9.98
N ALA A 39 -11.18 5.89 -11.29
CA ALA A 39 -10.76 6.90 -12.27
C ALA A 39 -11.59 6.78 -13.52
N GLY A 40 -11.84 7.89 -14.19
CA GLY A 40 -12.65 7.79 -15.39
C GLY A 40 -12.91 9.11 -16.02
N ASN A 41 -13.42 9.09 -17.25
CA ASN A 41 -13.62 10.37 -17.96
C ASN A 41 -14.83 11.14 -17.47
N ALA A 42 -15.71 10.50 -16.72
CA ALA A 42 -16.77 11.23 -16.04
C ALA A 42 -16.65 11.19 -14.50
N ILE A 43 -15.54 10.68 -13.99
CA ILE A 43 -15.26 10.66 -12.55
C ILE A 43 -14.44 11.92 -12.24
N LEU A 44 -14.89 12.68 -11.24
CA LEU A 44 -14.27 13.95 -10.86
C LEU A 44 -14.08 14.03 -9.34
N ARG A 45 -12.89 14.42 -8.90
CA ARG A 45 -12.62 14.65 -7.49
C ARG A 45 -13.49 15.82 -7.01
N GLU A 46 -14.25 15.59 -5.93
CA GLU A 46 -14.96 16.68 -5.25
C GLU A 46 -14.56 16.80 -3.76
N ASP A 47 -13.77 17.82 -3.44
CA ASP A 47 -13.27 18.06 -2.08
C ASP A 47 -14.38 18.42 -1.10
N LYS A 48 -15.40 19.11 -1.60
CA LYS A 48 -16.53 19.53 -0.79
C LYS A 48 -17.32 18.33 -0.25
N ASP A 49 -17.38 17.26 -1.03
CA ASP A 49 -18.22 16.09 -0.71
C ASP A 49 -17.57 14.76 -1.19
N PRO A 50 -16.41 14.39 -0.58
CA PRO A 50 -15.59 13.32 -1.18
C PRO A 50 -16.29 11.98 -1.30
N GLN A 51 -15.96 11.29 -2.38
CA GLN A 51 -16.55 10.02 -2.69
C GLN A 51 -16.36 9.01 -1.55
N LYS A 52 -17.43 8.39 -1.11
CA LYS A 52 -17.33 7.30 -0.13
C LYS A 52 -17.04 5.98 -0.80
N MET A 53 -16.25 5.15 -0.14
CA MET A 53 -15.93 3.85 -0.64
C MET A 53 -17.17 2.99 -0.74
N TYR A 54 -17.22 2.15 -1.78
CA TYR A 54 -18.26 1.16 -1.93
C TYR A 54 -17.63 -0.18 -2.28
N ALA A 55 -18.45 -1.21 -2.32
CA ALA A 55 -17.98 -2.55 -2.60
C ALA A 55 -18.76 -3.18 -3.74
N THR A 56 -18.09 -4.09 -4.44
CA THR A 56 -18.67 -4.83 -5.54
C THR A 56 -18.43 -6.31 -5.31
N ILE A 57 -19.49 -7.09 -5.34
CA ILE A 57 -19.45 -8.52 -5.02
C ILE A 57 -19.76 -9.38 -6.24
N TYR A 58 -18.82 -10.27 -6.57
CA TYR A 58 -18.90 -11.13 -7.77
C TYR A 58 -19.21 -12.56 -7.36
N GLU A 59 -20.35 -13.09 -7.82
CA GLU A 59 -20.71 -14.48 -7.60
C GLU A 59 -20.77 -15.21 -8.93
N LEU A 60 -20.00 -16.28 -9.08
CA LEU A 60 -20.06 -17.11 -10.28
C LEU A 60 -21.36 -17.91 -10.26
N LYS A 61 -22.07 -17.88 -11.37
CA LYS A 61 -23.27 -18.72 -11.52
C LYS A 61 -22.93 -20.04 -12.18
N GLU A 62 -23.85 -21.00 -12.10
CA GLU A 62 -23.70 -22.29 -12.77
C GLU A 62 -23.23 -22.10 -14.22
N ASP A 63 -23.79 -21.11 -14.91
CA ASP A 63 -23.43 -20.87 -16.33
C ASP A 63 -22.18 -20.02 -16.59
N LYS A 64 -21.42 -19.72 -15.54
CA LYS A 64 -20.14 -18.98 -15.63
C LYS A 64 -20.25 -17.46 -15.83
N SER A 65 -21.46 -16.95 -15.93
CA SER A 65 -21.66 -15.51 -15.88
C SER A 65 -21.52 -15.14 -14.41
N TYR A 66 -21.24 -13.87 -14.14
CA TYR A 66 -21.22 -13.37 -12.75
C TYR A 66 -22.51 -12.65 -12.41
N ASN A 67 -22.99 -12.90 -11.19
CA ASN A 67 -23.92 -12.00 -10.57
C ASN A 67 -23.10 -10.96 -9.81
N VAL A 68 -23.35 -9.70 -10.10
CA VAL A 68 -22.47 -8.64 -9.61
C VAL A 68 -23.32 -7.63 -8.86
N THR A 69 -23.03 -7.47 -7.58
CA THR A 69 -23.81 -6.61 -6.73
C THR A 69 -22.92 -5.49 -6.24
N SER A 70 -23.34 -4.25 -6.49
CA SER A 70 -22.66 -3.09 -5.96
C SER A 70 -23.42 -2.64 -4.73
N VAL A 71 -22.68 -2.29 -3.68
CA VAL A 71 -23.23 -1.85 -2.40
C VAL A 71 -22.66 -0.50 -2.04
N LEU A 72 -23.49 0.52 -1.96
CA LEU A 72 -23.07 1.88 -1.57
C LEU A 72 -23.87 2.43 -0.40
N PHE A 73 -23.28 3.34 0.35
CA PHE A 73 -23.97 4.05 1.44
C PHE A 73 -24.35 5.39 0.90
N ARG A 74 -25.64 5.72 0.92
CA ARG A 74 -26.13 6.93 0.28
C ARG A 74 -27.43 7.35 0.95
N LYS A 75 -27.48 8.63 1.34
CA LYS A 75 -28.65 9.21 1.98
C LYS A 75 -29.06 8.35 3.18
N LYS A 76 -28.07 7.95 3.97
CA LYS A 76 -28.26 7.21 5.23
C LYS A 76 -28.70 5.73 5.11
N LYS A 77 -28.62 5.17 3.91
CA LYS A 77 -29.07 3.83 3.64
C LYS A 77 -28.14 3.08 2.74
N CYS A 78 -28.32 1.77 2.68
CA CYS A 78 -27.52 0.91 1.81
C CYS A 78 -28.28 0.74 0.48
N ASP A 79 -27.62 1.07 -0.62
CA ASP A 79 -28.18 0.94 -1.96
C ASP A 79 -27.50 -0.16 -2.70
N TYR A 80 -28.28 -0.91 -3.48
CA TYR A 80 -27.84 -2.17 -4.08
C TYR A 80 -28.14 -2.15 -5.56
N TRP A 81 -27.10 -2.29 -6.38
CA TRP A 81 -27.21 -2.34 -7.83
C TRP A 81 -26.82 -3.74 -8.25
N ILE A 82 -27.69 -4.40 -8.97
CA ILE A 82 -27.49 -5.78 -9.35
C ILE A 82 -27.38 -5.85 -10.85
N ARG A 83 -26.31 -6.43 -11.34
CA ARG A 83 -26.14 -6.64 -12.76
C ARG A 83 -25.52 -8.00 -13.03
N THR A 84 -25.50 -8.39 -14.30
CA THR A 84 -24.95 -9.66 -14.74
C THR A 84 -23.80 -9.40 -15.70
N PHE A 85 -22.66 -10.04 -15.48
CA PHE A 85 -21.53 -9.97 -16.42
C PHE A 85 -21.41 -11.30 -17.17
N VAL A 86 -21.60 -11.24 -18.47
CA VAL A 86 -21.56 -12.40 -19.33
C VAL A 86 -20.15 -12.54 -19.91
N PRO A 87 -19.57 -13.74 -19.89
CA PRO A 87 -18.19 -13.88 -20.38
C PRO A 87 -18.08 -13.46 -21.85
N GLY A 88 -16.98 -12.80 -22.20
CA GLY A 88 -16.77 -12.24 -23.54
C GLY A 88 -15.83 -13.05 -24.44
N SER A 89 -15.15 -12.35 -25.33
CA SER A 89 -14.28 -12.97 -26.34
C SER A 89 -13.18 -13.79 -25.72
N GLN A 90 -12.58 -13.27 -24.66
CA GLN A 90 -11.52 -14.00 -23.96
C GLN A 90 -11.69 -13.97 -22.46
N PRO A 91 -11.14 -14.99 -21.76
CA PRO A 91 -11.26 -15.01 -20.31
C PRO A 91 -10.77 -13.71 -19.69
N GLY A 92 -11.59 -13.17 -18.81
CA GLY A 92 -11.28 -11.92 -18.14
C GLY A 92 -12.00 -10.74 -18.75
N GLU A 93 -12.70 -10.97 -19.88
CA GLU A 93 -13.59 -9.94 -20.47
C GLU A 93 -15.03 -10.31 -20.35
N PHE A 94 -15.86 -9.29 -20.16
CA PHE A 94 -17.30 -9.50 -19.98
C PHE A 94 -18.15 -8.45 -20.70
N THR A 95 -19.38 -8.83 -21.03
CA THR A 95 -20.43 -7.90 -21.51
C THR A 95 -21.50 -7.83 -20.44
N LEU A 96 -22.28 -6.76 -20.45
CA LEU A 96 -23.38 -6.62 -19.51
C LEU A 96 -24.56 -7.43 -20.04
N GLY A 97 -25.11 -8.32 -19.22
CA GLY A 97 -26.31 -9.06 -19.58
C GLY A 97 -27.58 -8.21 -19.60
N ASN A 98 -28.59 -8.67 -20.32
N ASN A 98 -28.59 -8.67 -20.32
CA ASN A 98 -29.85 -7.95 -20.47
CA ASN A 98 -29.85 -7.97 -20.43
C ASN A 98 -29.68 -6.45 -20.58
C ASN A 98 -29.68 -6.45 -20.56
N ILE A 99 -28.86 -6.06 -21.53
CA ILE A 99 -28.53 -4.66 -21.77
C ILE A 99 -29.74 -3.78 -22.17
N LYS A 100 -30.76 -4.38 -22.79
CA LYS A 100 -31.92 -3.61 -23.26
C LYS A 100 -32.78 -3.03 -22.13
N SER A 101 -32.64 -3.59 -20.93
CA SER A 101 -33.32 -3.05 -19.75
C SER A 101 -32.60 -1.84 -19.14
N TYR A 102 -31.45 -1.45 -19.69
CA TYR A 102 -30.82 -0.19 -19.29
C TYR A 102 -31.05 0.89 -20.36
N PRO A 103 -31.93 1.86 -20.08
CA PRO A 103 -32.32 2.78 -21.17
C PRO A 103 -31.17 3.69 -21.62
N GLY A 104 -30.98 3.83 -22.92
CA GLY A 104 -29.87 4.61 -23.46
C GLY A 104 -28.60 3.81 -23.70
N LEU A 105 -28.44 2.67 -23.03
CA LEU A 105 -27.18 1.94 -23.04
C LEU A 105 -27.07 1.01 -24.24
N THR A 106 -26.13 1.29 -25.14
CA THR A 106 -25.93 0.46 -26.35
C THR A 106 -24.73 -0.47 -26.25
N SER A 107 -23.90 -0.26 -25.25
CA SER A 107 -22.65 -0.99 -25.18
C SER A 107 -22.03 -0.90 -23.81
N TYR A 108 -21.45 -2.00 -23.35
CA TYR A 108 -20.83 -2.07 -22.03
C TYR A 108 -19.82 -3.20 -22.00
N LEU A 109 -18.54 -2.86 -21.85
CA LEU A 109 -17.45 -3.82 -21.84
C LEU A 109 -16.69 -3.81 -20.51
N VAL A 110 -16.28 -5.00 -20.08
CA VAL A 110 -15.49 -5.14 -18.88
C VAL A 110 -14.24 -5.90 -19.21
N ARG A 111 -13.09 -5.40 -18.75
CA ARG A 111 -11.85 -6.14 -18.91
C ARG A 111 -11.00 -6.08 -17.64
N VAL A 112 -10.74 -7.24 -17.07
CA VAL A 112 -9.84 -7.32 -15.92
C VAL A 112 -8.41 -7.15 -16.41
N VAL A 113 -7.76 -6.10 -15.91
CA VAL A 113 -6.44 -5.71 -16.37
C VAL A 113 -5.35 -6.52 -15.69
N SER A 114 -5.44 -6.61 -14.37
CA SER A 114 -4.51 -7.38 -13.55
C SER A 114 -5.17 -7.74 -12.24
N THR A 115 -4.79 -8.89 -11.69
CA THR A 115 -5.18 -9.22 -10.33
C THR A 115 -4.29 -10.29 -9.75
N ASN A 116 -4.14 -10.30 -8.44
CA ASN A 116 -3.57 -11.45 -7.74
C ASN A 116 -4.63 -12.16 -6.90
N TYR A 117 -5.90 -11.80 -7.13
CA TYR A 117 -7.08 -12.49 -6.60
C TYR A 117 -7.34 -12.36 -5.08
N ASN A 118 -6.29 -12.44 -4.25
CA ASN A 118 -6.45 -12.46 -2.79
C ASN A 118 -6.14 -11.12 -2.11
N GLN A 119 -5.74 -10.11 -2.90
CA GLN A 119 -5.46 -8.77 -2.36
C GLN A 119 -5.95 -7.65 -3.23
N HIS A 120 -5.57 -7.65 -4.51
CA HIS A 120 -5.87 -6.50 -5.38
C HIS A 120 -6.22 -6.84 -6.85
N ALA A 121 -6.86 -5.89 -7.50
CA ALA A 121 -7.18 -6.01 -8.93
C ALA A 121 -7.40 -4.63 -9.53
N MET A 122 -7.22 -4.55 -10.84
CA MET A 122 -7.60 -3.37 -11.64
C MET A 122 -8.50 -3.86 -12.76
N VAL A 123 -9.65 -3.20 -12.91
CA VAL A 123 -10.61 -3.54 -13.91
C VAL A 123 -10.97 -2.30 -14.71
N PHE A 124 -11.04 -2.47 -16.03
CA PHE A 124 -11.38 -1.42 -16.98
C PHE A 124 -12.80 -1.62 -17.47
N PHE A 125 -13.58 -0.54 -17.54
CA PHE A 125 -14.96 -0.60 -18.01
C PHE A 125 -15.18 0.44 -19.09
N LYS A 126 -15.88 0.07 -20.14
CA LYS A 126 -16.27 1.04 -21.17
C LYS A 126 -17.73 0.89 -21.50
N LYS A 127 -18.46 2.01 -21.54
CA LYS A 127 -19.84 2.02 -21.95
C LYS A 127 -20.21 3.15 -22.87
N VAL A 128 -21.18 2.88 -23.75
CA VAL A 128 -21.73 3.89 -24.64
C VAL A 128 -23.18 4.11 -24.23
N SER A 129 -23.49 5.33 -23.83
CA SER A 129 -24.77 5.67 -23.24
C SER A 129 -25.20 7.03 -23.81
N GLN A 130 -26.34 7.08 -24.50
CA GLN A 130 -26.76 8.23 -25.30
C GLN A 130 -25.72 8.57 -26.36
N ASN A 131 -25.11 7.54 -26.92
CA ASN A 131 -24.03 7.70 -27.89
C ASN A 131 -22.74 8.36 -27.34
N ARG A 132 -22.63 8.47 -26.02
CA ARG A 132 -21.45 9.04 -25.38
C ARG A 132 -20.60 7.94 -24.81
N GLU A 133 -19.31 8.04 -25.06
CA GLU A 133 -18.41 6.97 -24.72
C GLU A 133 -17.72 7.27 -23.37
N TYR A 134 -18.15 6.56 -22.33
CA TYR A 134 -17.58 6.73 -20.99
C TYR A 134 -16.65 5.57 -20.71
N PHE A 135 -15.65 5.81 -19.88
CA PHE A 135 -14.85 4.71 -19.38
C PHE A 135 -14.38 5.00 -17.97
N LYS A 136 -14.12 3.93 -17.23
CA LYS A 136 -13.54 4.08 -15.92
C LYS A 136 -12.63 2.90 -15.65
N ILE A 137 -11.79 3.09 -14.64
CA ILE A 137 -10.92 2.05 -14.12
C ILE A 137 -11.10 2.00 -12.60
N THR A 138 -11.29 0.80 -12.07
CA THR A 138 -11.37 0.62 -10.61
C THR A 138 -10.17 -0.12 -10.08
N LEU A 139 -9.65 0.38 -8.96
CA LEU A 139 -8.64 -0.32 -8.21
C LEU A 139 -9.35 -1.02 -7.10
N TYR A 140 -9.32 -2.36 -7.14
CA TYR A 140 -10.02 -3.19 -6.13
C TYR A 140 -9.05 -3.70 -5.08
N GLY A 141 -9.47 -3.73 -3.83
CA GLY A 141 -8.73 -4.40 -2.77
C GLY A 141 -9.63 -5.37 -2.03
N ARG A 142 -9.11 -6.50 -1.54
CA ARG A 142 -9.89 -7.33 -0.65
C ARG A 142 -10.05 -6.64 0.72
N THR A 143 -9.10 -5.76 1.07
CA THR A 143 -9.23 -4.88 2.24
C THR A 143 -9.44 -3.43 1.80
N LYS A 144 -9.71 -2.55 2.77
CA LYS A 144 -10.05 -1.15 2.48
C LYS A 144 -8.82 -0.31 2.24
N GLU A 145 -7.64 -0.87 2.55
CA GLU A 145 -6.39 -0.16 2.34
C GLU A 145 -5.50 -0.93 1.39
N LEU A 146 -4.73 -0.19 0.58
CA LEU A 146 -3.67 -0.81 -0.21
C LEU A 146 -2.42 0.04 -0.14
N THR A 147 -1.30 -0.57 -0.50
CA THR A 147 0.01 0.08 -0.43
C THR A 147 0.08 1.31 -1.33
N SER A 148 0.92 2.26 -0.93
CA SER A 148 1.37 3.31 -1.81
C SER A 148 1.72 2.78 -3.20
N GLU A 149 2.45 1.67 -3.26
CA GLU A 149 2.97 1.17 -4.50
C GLU A 149 1.82 0.92 -5.47
N LEU A 150 0.79 0.25 -4.98
CA LEU A 150 -0.37 -0.09 -5.80
C LEU A 150 -1.22 1.12 -6.19
N LYS A 151 -1.38 2.08 -5.28
CA LYS A 151 -2.07 3.31 -5.62
C LYS A 151 -1.34 4.05 -6.73
N GLU A 152 -0.01 4.17 -6.60
CA GLU A 152 0.80 4.85 -7.60
C GLU A 152 0.74 4.15 -8.94
N ASN A 153 0.75 2.83 -8.93
CA ASN A 153 0.65 2.07 -10.17
C ASN A 153 -0.67 2.35 -10.88
N PHE A 154 -1.71 2.47 -10.10
CA PHE A 154 -3.04 2.74 -10.59
C PHE A 154 -3.17 4.15 -11.12
N ILE A 155 -2.51 5.10 -10.46
CA ILE A 155 -2.42 6.48 -10.96
C ILE A 155 -1.66 6.51 -12.29
N ARG A 156 -0.54 5.82 -12.36
CA ARG A 156 0.24 5.77 -13.59
C ARG A 156 -0.57 5.16 -14.74
N PHE A 157 -1.24 4.06 -14.45
CA PHE A 157 -2.04 3.39 -15.47
C PHE A 157 -3.21 4.25 -15.97
N SER A 158 -3.91 4.89 -15.05
CA SER A 158 -4.97 5.84 -15.40
C SER A 158 -4.47 6.97 -16.28
N LYS A 159 -3.33 7.56 -15.93
CA LYS A 159 -2.72 8.60 -16.77
C LYS A 159 -2.28 8.05 -18.14
N SER A 160 -1.78 6.82 -18.18
CA SER A 160 -1.40 6.24 -19.47
C SER A 160 -2.61 6.15 -20.41
N LEU A 161 -3.83 6.11 -19.86
CA LEU A 161 -5.07 6.11 -20.67
C LEU A 161 -5.64 7.50 -20.91
N GLY A 162 -4.90 8.55 -20.52
CA GLY A 162 -5.26 9.93 -20.88
C GLY A 162 -5.93 10.73 -19.76
N LEU A 163 -6.04 10.16 -18.55
CA LEU A 163 -6.76 10.84 -17.48
C LEU A 163 -5.85 11.70 -16.60
N PRO A 164 -6.24 12.97 -16.37
CA PRO A 164 -5.43 13.76 -15.47
C PRO A 164 -5.76 13.47 -13.99
N GLU A 165 -5.00 14.10 -13.11
CA GLU A 165 -5.10 13.89 -11.67
C GLU A 165 -6.50 14.10 -11.11
N ASN A 166 -7.21 15.12 -11.58
CA ASN A 166 -8.55 15.43 -11.08
C ASN A 166 -9.63 14.43 -11.53
N HIS A 167 -9.28 13.50 -12.43
CA HIS A 167 -10.16 12.39 -12.76
C HIS A 167 -9.79 11.10 -12.05
N ILE A 168 -9.01 11.18 -10.98
CA ILE A 168 -8.58 9.98 -10.25
C ILE A 168 -8.92 10.18 -8.77
N VAL A 169 -9.76 9.32 -8.19
CA VAL A 169 -10.11 9.48 -6.78
C VAL A 169 -9.88 8.24 -5.96
N PHE A 170 -9.70 8.47 -4.66
CA PHE A 170 -9.51 7.38 -3.68
C PHE A 170 -10.59 7.52 -2.67
N PRO A 171 -11.65 6.73 -2.83
CA PRO A 171 -12.80 6.83 -1.95
C PRO A 171 -12.39 6.63 -0.51
N VAL A 172 -13.05 7.38 0.37
CA VAL A 172 -12.75 7.35 1.78
C VAL A 172 -13.36 6.10 2.38
N PRO A 173 -12.56 5.28 3.11
CA PRO A 173 -13.07 4.07 3.81
C PRO A 173 -14.21 4.38 4.76
N ILE A 174 -15.22 3.49 4.80
CA ILE A 174 -16.36 3.62 5.73
C ILE A 174 -16.73 2.23 6.24
N ASP A 175 -17.63 2.18 7.22
CA ASP A 175 -18.05 0.94 7.85
C ASP A 175 -19.46 0.52 7.47
N GLN A 176 -20.31 1.50 7.16
CA GLN A 176 -21.72 1.24 6.87
C GLN A 176 -21.87 0.52 5.55
N CYS A 177 -22.69 -0.52 5.55
CA CYS A 177 -23.13 -1.25 4.35
C CYS A 177 -22.13 -2.22 3.79
N ILE A 178 -20.88 -1.78 3.65
CA ILE A 178 -19.84 -2.56 2.99
C ILE A 178 -19.01 -3.54 3.89
N ASP A 179 -19.17 -3.54 5.19
CA ASP A 179 -18.51 -4.54 6.07
C ASP A 179 -19.15 -5.93 6.08
N ILE B 10 0.46 30.15 -1.86
CA ILE B 10 0.26 29.03 -0.90
C ILE B 10 1.16 29.20 0.33
N PRO B 11 0.61 29.10 1.55
CA PRO B 11 1.44 29.38 2.72
C PRO B 11 2.60 28.40 2.88
N ALA B 12 3.71 28.88 3.45
CA ALA B 12 4.79 27.99 3.86
C ALA B 12 4.28 27.11 4.97
N PRO B 13 4.69 25.84 4.97
CA PRO B 13 4.25 24.92 6.00
C PRO B 13 5.01 25.24 7.28
N PRO B 14 4.45 24.86 8.44
CA PRO B 14 5.28 25.03 9.64
C PRO B 14 6.49 24.12 9.54
N LEU B 15 7.60 24.57 10.13
CA LEU B 15 8.85 23.82 10.09
C LEU B 15 8.76 22.42 10.69
N SER B 16 7.79 22.19 11.57
CA SER B 16 7.56 20.86 12.14
C SER B 16 7.14 19.79 11.11
N LYS B 17 6.68 20.21 9.93
CA LYS B 17 6.31 19.29 8.85
C LYS B 17 7.45 19.06 7.85
N VAL B 18 8.62 19.64 8.11
CA VAL B 18 9.80 19.50 7.25
C VAL B 18 10.90 18.76 8.03
N PRO B 19 11.04 17.44 7.80
CA PRO B 19 12.10 16.74 8.55
C PRO B 19 13.51 17.29 8.30
N LEU B 20 14.40 16.93 9.21
CA LEU B 20 15.81 17.22 9.08
C LEU B 20 16.53 15.89 8.96
N GLN B 21 17.42 15.77 7.99
CA GLN B 21 18.28 14.59 7.91
C GLN B 21 19.03 14.39 9.25
N GLN B 22 18.88 13.22 9.87
CA GLN B 22 19.58 12.91 11.12
C GLN B 22 21.08 12.82 10.83
N ASN B 23 21.89 13.38 11.73
CA ASN B 23 23.35 13.23 11.72
C ASN B 23 23.97 13.59 10.35
N PHE B 24 23.69 14.81 9.89
CA PHE B 24 24.12 15.29 8.58
C PHE B 24 25.63 15.34 8.41
N GLN B 25 26.11 14.80 7.28
CA GLN B 25 27.55 14.69 6.98
C GLN B 25 27.92 15.70 5.89
N ASP B 26 28.44 16.84 6.31
CA ASP B 26 28.64 17.96 5.39
C ASP B 26 29.67 17.64 4.28
N ASN B 27 30.72 16.91 4.65
CA ASN B 27 31.72 16.47 3.66
C ASN B 27 31.14 15.55 2.58
N GLN B 28 30.25 14.65 2.98
CA GLN B 28 29.64 13.70 2.05
C GLN B 28 28.58 14.34 1.16
N PHE B 29 28.01 15.48 1.57
CA PHE B 29 26.99 16.14 0.78
C PHE B 29 27.56 17.00 -0.35
N GLN B 30 28.86 17.21 -0.35
CA GLN B 30 29.47 18.14 -1.29
C GLN B 30 29.59 17.55 -2.70
N GLY B 31 29.97 18.40 -3.64
CA GLY B 31 29.99 18.04 -5.06
C GLY B 31 28.75 18.49 -5.81
N LYS B 32 28.64 17.96 -7.01
CA LYS B 32 27.59 18.33 -7.94
C LYS B 32 26.36 17.49 -7.69
N TRP B 33 25.21 18.19 -7.63
CA TRP B 33 23.88 17.61 -7.61
C TRP B 33 23.06 18.17 -8.77
N TYR B 34 22.39 17.28 -9.49
CA TYR B 34 21.48 17.68 -10.54
C TYR B 34 20.10 17.94 -9.97
N VAL B 35 19.42 18.99 -10.44
CA VAL B 35 18.05 19.24 -10.01
C VAL B 35 17.09 18.45 -10.89
N VAL B 36 16.73 17.25 -10.41
CA VAL B 36 15.81 16.36 -11.13
C VAL B 36 14.35 16.66 -10.78
N GLY B 37 14.07 17.26 -9.62
CA GLY B 37 12.72 17.68 -9.29
C GLY B 37 12.75 19.04 -8.62
N LEU B 38 11.70 19.82 -8.83
CA LEU B 38 11.62 21.16 -8.28
C LEU B 38 10.17 21.53 -8.01
N ALA B 39 9.87 21.94 -6.78
CA ALA B 39 8.50 22.27 -6.37
C ALA B 39 8.49 23.50 -5.48
N GLY B 40 7.44 24.30 -5.52
CA GLY B 40 7.40 25.48 -4.66
C GLY B 40 6.17 26.30 -4.84
N ASN B 41 5.92 27.25 -3.94
CA ASN B 41 4.71 28.07 -4.06
C ASN B 41 4.79 29.13 -5.15
N ALA B 42 5.98 29.43 -5.65
CA ALA B 42 6.12 30.28 -6.84
C ALA B 42 6.74 29.52 -8.05
N ILE B 43 6.84 28.19 -7.96
CA ILE B 43 7.24 27.33 -9.08
C ILE B 43 5.98 26.84 -9.78
N LEU B 44 5.92 27.04 -11.10
CA LEU B 44 4.76 26.68 -11.91
C LEU B 44 5.18 25.91 -13.16
N ARG B 45 4.51 24.79 -13.43
CA ARG B 45 4.73 24.04 -14.67
C ARG B 45 4.40 24.99 -15.82
N GLU B 46 5.41 25.35 -16.61
CA GLU B 46 5.15 26.09 -17.84
C GLU B 46 5.09 24.98 -18.87
N ASP B 47 3.86 24.51 -19.11
CA ASP B 47 3.59 23.33 -19.92
C ASP B 47 3.95 23.51 -21.40
N LYS B 48 3.81 24.74 -21.89
CA LYS B 48 4.11 25.05 -23.29
C LYS B 48 5.61 24.91 -23.59
N ASP B 49 6.47 25.22 -22.62
CA ASP B 49 7.94 25.19 -22.81
C ASP B 49 8.67 24.75 -21.52
N PRO B 50 8.58 23.46 -21.14
CA PRO B 50 8.99 23.05 -19.78
C PRO B 50 10.49 23.28 -19.45
N GLN B 51 10.75 23.62 -18.18
CA GLN B 51 12.09 24.06 -17.71
C GLN B 51 13.27 23.09 -17.87
N LYS B 52 14.45 23.64 -18.15
CA LYS B 52 15.67 22.85 -18.33
C LYS B 52 16.35 22.54 -17.01
N MET B 53 16.92 21.35 -16.93
CA MET B 53 17.65 20.93 -15.75
C MET B 53 18.89 21.80 -15.55
N TYR B 54 19.17 22.08 -14.27
CA TYR B 54 20.39 22.75 -13.92
C TYR B 54 21.06 21.98 -12.80
N ALA B 55 22.26 22.41 -12.46
CA ALA B 55 23.02 21.76 -11.42
C ALA B 55 23.47 22.75 -10.36
N THR B 56 23.66 22.23 -9.16
CA THR B 56 24.10 23.01 -8.02
C THR B 56 25.25 22.29 -7.36
N ILE B 57 26.35 23.01 -7.21
CA ILE B 57 27.59 22.45 -6.73
C ILE B 57 27.91 23.02 -5.36
N TYR B 58 28.11 22.11 -4.40
CA TYR B 58 28.41 22.44 -3.01
C TYR B 58 29.87 22.14 -2.72
N GLU B 59 30.64 23.17 -2.40
CA GLU B 59 32.03 22.98 -2.01
C GLU B 59 32.18 23.39 -0.55
N LEU B 60 32.65 22.48 0.29
CA LEU B 60 32.94 22.79 1.68
C LEU B 60 34.16 23.70 1.74
N LYS B 61 34.05 24.81 2.44
CA LYS B 61 35.20 25.70 2.66
C LYS B 61 35.91 25.31 3.94
N GLU B 62 37.14 25.81 4.11
CA GLU B 62 37.90 25.62 5.34
C GLU B 62 37.02 25.90 6.57
N ASP B 63 36.19 26.94 6.52
CA ASP B 63 35.34 27.33 7.65
C ASP B 63 33.98 26.61 7.77
N LYS B 64 33.77 25.56 6.96
CA LYS B 64 32.57 24.71 7.02
C LYS B 64 31.30 25.29 6.40
N SER B 65 31.37 26.53 5.91
CA SER B 65 30.30 27.06 5.08
C SER B 65 30.45 26.41 3.73
N TYR B 66 29.38 26.41 2.94
CA TYR B 66 29.45 25.95 1.55
C TYR B 66 29.55 27.12 0.59
N ASN B 67 30.41 26.94 -0.41
CA ASN B 67 30.31 27.74 -1.61
C ASN B 67 29.37 26.99 -2.52
N VAL B 68 28.34 27.68 -2.98
CA VAL B 68 27.27 27.03 -3.70
C VAL B 68 27.14 27.74 -5.03
N THR B 69 27.36 26.98 -6.10
CA THR B 69 27.33 27.51 -7.45
C THR B 69 26.22 26.84 -8.20
N SER B 70 25.31 27.64 -8.73
CA SER B 70 24.26 27.13 -9.60
C SER B 70 24.69 27.38 -11.05
N VAL B 71 24.51 26.37 -11.89
CA VAL B 71 24.90 26.40 -13.31
C VAL B 71 23.68 26.10 -14.18
N LEU B 72 23.26 27.08 -15.00
CA LEU B 72 22.14 26.88 -15.94
C LEU B 72 22.59 27.20 -17.35
N PHE B 73 21.86 26.63 -18.30
CA PHE B 73 21.99 26.95 -19.71
C PHE B 73 20.87 27.93 -20.02
N ARG B 74 21.18 29.13 -20.50
CA ARG B 74 20.16 30.17 -20.69
C ARG B 74 20.64 31.18 -21.72
N LYS B 75 19.78 31.45 -22.70
CA LYS B 75 20.12 32.39 -23.77
C LYS B 75 21.43 31.99 -24.48
N LYS B 76 21.56 30.69 -24.74
CA LYS B 76 22.70 30.12 -25.46
C LYS B 76 24.05 30.13 -24.69
N LYS B 77 24.02 30.46 -23.40
CA LYS B 77 25.23 30.58 -22.58
C LYS B 77 25.11 29.79 -21.31
N CYS B 78 26.25 29.56 -20.67
CA CYS B 78 26.27 28.99 -19.32
C CYS B 78 26.21 30.16 -18.31
N ASP B 79 25.20 30.16 -17.42
CA ASP B 79 25.03 31.19 -16.39
C ASP B 79 25.37 30.63 -15.05
N TYR B 80 25.99 31.44 -14.22
CA TYR B 80 26.54 31.01 -12.96
C TYR B 80 26.04 31.94 -11.84
N TRP B 81 25.39 31.34 -10.82
CA TRP B 81 24.95 32.06 -9.63
C TRP B 81 25.77 31.53 -8.47
N ILE B 82 26.44 32.42 -7.76
CA ILE B 82 27.32 32.04 -6.66
C ILE B 82 26.74 32.58 -5.36
N ARG B 83 26.53 31.71 -4.38
CA ARG B 83 26.12 32.14 -3.04
C ARG B 83 26.86 31.35 -1.98
N THR B 84 26.65 31.74 -0.73
CA THR B 84 27.31 31.08 0.39
C THR B 84 26.24 30.56 1.33
N PHE B 85 26.36 29.30 1.75
CA PHE B 85 25.47 28.76 2.78
C PHE B 85 26.24 28.61 4.10
N VAL B 86 25.82 29.34 5.11
CA VAL B 86 26.46 29.34 6.41
C VAL B 86 25.74 28.29 7.27
N PRO B 87 26.48 27.41 7.99
CA PRO B 87 25.80 26.45 8.87
C PRO B 87 24.89 27.10 9.91
N GLY B 88 23.74 26.48 10.14
CA GLY B 88 22.70 27.03 11.02
C GLY B 88 22.65 26.39 12.40
N SER B 89 21.46 26.40 13.00
CA SER B 89 21.25 25.92 14.36
C SER B 89 21.64 24.45 14.52
N GLN B 90 21.27 23.64 13.54
CA GLN B 90 21.47 22.21 13.56
C GLN B 90 22.21 21.77 12.32
N PRO B 91 23.05 20.71 12.43
CA PRO B 91 23.68 20.19 11.22
C PRO B 91 22.62 19.85 10.16
N GLY B 92 22.89 20.30 8.94
CA GLY B 92 21.94 20.11 7.85
C GLY B 92 21.08 21.33 7.56
N GLU B 93 21.16 22.35 8.42
CA GLU B 93 20.51 23.63 8.17
C GLU B 93 21.51 24.71 7.84
N PHE B 94 21.10 25.62 6.96
CA PHE B 94 21.96 26.70 6.53
C PHE B 94 21.20 28.01 6.37
N THR B 95 21.94 29.10 6.52
CA THR B 95 21.43 30.44 6.24
C THR B 95 22.24 30.97 5.07
N LEU B 96 21.67 31.94 4.37
CA LEU B 96 22.36 32.55 3.27
C LEU B 96 23.36 33.56 3.81
N GLY B 97 24.63 33.46 3.40
CA GLY B 97 25.65 34.43 3.79
C GLY B 97 25.47 35.79 3.13
N ASN B 98 26.02 36.81 3.76
CA ASN B 98 25.84 38.21 3.37
C ASN B 98 24.44 38.51 2.79
N ILE B 99 23.42 38.23 3.60
CA ILE B 99 22.01 38.43 3.25
C ILE B 99 21.65 39.88 2.94
N LYS B 100 22.37 40.81 3.56
CA LYS B 100 22.06 42.21 3.47
C LYS B 100 22.39 42.79 2.09
N SER B 101 23.18 42.07 1.30
CA SER B 101 23.44 42.44 -0.09
C SER B 101 22.32 42.01 -1.06
N TYR B 102 21.32 41.28 -0.58
CA TYR B 102 20.17 40.92 -1.42
C TYR B 102 18.99 41.83 -1.08
N PRO B 103 18.67 42.80 -1.97
CA PRO B 103 17.65 43.79 -1.56
C PRO B 103 16.26 43.19 -1.39
N GLY B 104 15.57 43.55 -0.32
CA GLY B 104 14.25 43.01 -0.03
C GLY B 104 14.25 41.72 0.77
N LEU B 105 15.39 41.01 0.80
CA LEU B 105 15.47 39.70 1.43
C LEU B 105 15.73 39.82 2.92
N THR B 106 14.76 39.44 3.74
CA THR B 106 14.92 39.52 5.18
C THR B 106 15.21 38.16 5.81
N SER B 107 15.05 37.08 5.06
CA SER B 107 15.18 35.75 5.63
C SER B 107 15.35 34.69 4.54
N TYR B 108 16.19 33.70 4.82
CA TYR B 108 16.50 32.63 3.85
C TYR B 108 17.03 31.44 4.61
N LEU B 109 16.24 30.37 4.60
CA LEU B 109 16.58 29.16 5.34
C LEU B 109 16.75 27.96 4.39
N VAL B 110 17.72 27.12 4.69
CA VAL B 110 17.96 25.89 3.94
C VAL B 110 17.92 24.74 4.92
N ARG B 111 17.16 23.70 4.59
CA ARG B 111 17.15 22.51 5.42
C ARG B 111 17.18 21.25 4.58
N VAL B 112 18.23 20.45 4.76
CA VAL B 112 18.32 19.19 4.07
C VAL B 112 17.35 18.22 4.74
N VAL B 113 16.40 17.71 3.97
CA VAL B 113 15.32 16.87 4.50
C VAL B 113 15.74 15.43 4.63
N SER B 114 16.34 14.90 3.56
CA SER B 114 16.84 13.55 3.53
C SER B 114 17.91 13.43 2.46
N THR B 115 18.87 12.54 2.67
CA THR B 115 19.80 12.22 1.65
C THR B 115 20.50 10.91 1.95
N ASN B 116 20.90 10.20 0.91
CA ASN B 116 21.83 9.10 1.07
C ASN B 116 23.21 9.45 0.49
N TYR B 117 23.41 10.73 0.17
CA TYR B 117 24.72 11.32 -0.22
C TYR B 117 25.31 10.92 -1.59
N ASN B 118 25.20 9.65 -1.97
CA ASN B 118 25.82 9.16 -3.21
C ASN B 118 24.83 8.95 -4.37
N GLN B 119 23.54 9.22 -4.14
CA GLN B 119 22.52 9.11 -5.20
C GLN B 119 21.52 10.25 -5.19
N HIS B 120 20.87 10.49 -4.05
CA HIS B 120 19.76 11.45 -3.98
C HIS B 120 19.66 12.28 -2.70
N ALA B 121 18.93 13.37 -2.81
CA ALA B 121 18.65 14.22 -1.66
C ALA B 121 17.40 15.04 -1.94
N MET B 122 16.77 15.48 -0.85
CA MET B 122 15.70 16.46 -0.89
C MET B 122 16.08 17.60 0.04
N VAL B 123 15.99 18.82 -0.47
CA VAL B 123 16.32 19.99 0.31
C VAL B 123 15.18 20.99 0.23
N PHE B 124 14.86 21.56 1.39
CA PHE B 124 13.79 22.54 1.56
C PHE B 124 14.41 23.91 1.70
N PHE B 125 13.84 24.89 1.00
CA PHE B 125 14.29 26.27 1.08
C PHE B 125 13.12 27.21 1.41
N LYS B 126 13.32 28.14 2.33
CA LYS B 126 12.30 29.14 2.64
C LYS B 126 12.92 30.52 2.66
N LYS B 127 12.26 31.47 1.99
CA LYS B 127 12.70 32.86 2.05
C LYS B 127 11.56 33.85 2.22
N VAL B 128 11.86 34.96 2.88
CA VAL B 128 10.94 36.09 3.00
C VAL B 128 11.52 37.26 2.22
N SER B 129 10.77 37.71 1.22
CA SER B 129 11.25 38.69 0.28
C SER B 129 10.10 39.65 -0.01
N GLN B 130 10.29 40.93 0.30
CA GLN B 130 9.20 41.92 0.22
C GLN B 130 8.06 41.51 1.18
N ASN B 131 8.44 40.92 2.31
CA ASN B 131 7.49 40.42 3.31
C ASN B 131 6.59 39.28 2.80
N ARG B 132 6.93 38.68 1.66
CA ARG B 132 6.21 37.53 1.12
C ARG B 132 7.01 36.26 1.37
N GLU B 133 6.30 35.24 1.82
CA GLU B 133 6.96 34.05 2.25
C GLU B 133 6.93 33.02 1.12
N TYR B 134 8.10 32.79 0.49
CA TYR B 134 8.24 31.80 -0.58
C TYR B 134 8.91 30.53 -0.04
N PHE B 135 8.61 29.40 -0.65
CA PHE B 135 9.36 28.19 -0.34
C PHE B 135 9.46 27.29 -1.55
N LYS B 136 10.50 26.47 -1.59
CA LYS B 136 10.63 25.46 -2.61
C LYS B 136 11.33 24.23 -2.06
N ILE B 137 11.20 23.13 -2.80
CA ILE B 137 11.85 21.87 -2.49
C ILE B 137 12.53 21.38 -3.75
N THR B 138 13.80 20.98 -3.62
CA THR B 138 14.52 20.37 -4.72
C THR B 138 14.76 18.90 -4.47
N LEU B 139 14.54 18.12 -5.51
CA LEU B 139 14.95 16.72 -5.53
C LEU B 139 16.27 16.68 -6.27
N TYR B 140 17.33 16.32 -5.55
CA TYR B 140 18.68 16.24 -6.12
C TYR B 140 19.05 14.81 -6.48
N GLY B 141 19.73 14.63 -7.61
CA GLY B 141 20.32 13.35 -7.95
C GLY B 141 21.78 13.53 -8.31
N ARG B 142 22.64 12.55 -8.01
CA ARG B 142 24.03 12.60 -8.49
C ARG B 142 24.07 12.36 -9.99
N THR B 143 23.06 11.67 -10.50
CA THR B 143 22.83 11.53 -11.95
C THR B 143 21.60 12.34 -12.37
N LYS B 144 21.38 12.42 -13.69
CA LYS B 144 20.26 13.18 -14.24
C LYS B 144 18.92 12.46 -14.15
N GLU B 145 18.95 11.16 -13.83
CA GLU B 145 17.74 10.36 -13.71
C GLU B 145 17.59 9.80 -12.29
N LEU B 146 16.35 9.65 -11.83
CA LEU B 146 16.08 8.91 -10.60
C LEU B 146 14.91 7.95 -10.80
N THR B 147 14.79 6.98 -9.89
CA THR B 147 13.71 5.99 -9.92
C THR B 147 12.33 6.65 -9.86
N GLU B 149 10.07 5.62 -8.03
CA GLU B 149 9.94 5.51 -6.57
C GLU B 149 10.31 6.83 -5.87
N LEU B 150 11.50 7.35 -6.17
CA LEU B 150 11.98 8.61 -5.59
C LEU B 150 11.23 9.85 -6.11
N LYS B 151 10.86 9.86 -7.38
CA LYS B 151 10.04 10.94 -7.91
C LYS B 151 8.69 10.96 -7.18
N GLU B 152 8.08 9.79 -7.02
CA GLU B 152 6.77 9.67 -6.37
C GLU B 152 6.86 10.11 -4.90
N ASN B 153 7.94 9.74 -4.21
CA ASN B 153 8.16 10.17 -2.84
C ASN B 153 8.25 11.69 -2.71
N PHE B 154 8.91 12.29 -3.70
CA PHE B 154 9.09 13.73 -3.76
C PHE B 154 7.79 14.44 -4.05
N ILE B 155 6.96 13.84 -4.91
CA ILE B 155 5.63 14.36 -5.18
C ILE B 155 4.78 14.29 -3.90
N ARG B 156 4.79 13.14 -3.22
CA ARG B 156 3.98 13.01 -2.00
C ARG B 156 4.46 13.95 -0.90
N PHE B 157 5.77 14.13 -0.75
CA PHE B 157 6.31 15.09 0.23
C PHE B 157 5.92 16.54 -0.09
N SER B 158 6.07 16.93 -1.35
CA SER B 158 5.63 18.26 -1.80
C SER B 158 4.15 18.51 -1.52
N LYS B 159 3.29 17.53 -1.83
CA LYS B 159 1.86 17.65 -1.52
C LYS B 159 1.61 17.69 -0.02
N SER B 160 2.38 16.94 0.77
CA SER B 160 2.21 16.99 2.23
C SER B 160 2.47 18.40 2.78
N LEU B 161 3.23 19.21 2.04
CA LEU B 161 3.47 20.62 2.41
C LEU B 161 2.46 21.60 1.77
N GLY B 162 1.43 21.08 1.09
CA GLY B 162 0.33 21.90 0.58
C GLY B 162 0.39 22.24 -0.90
N LEU B 163 1.35 21.69 -1.63
CA LEU B 163 1.52 22.05 -3.04
C LEU B 163 0.74 21.14 -3.98
N PRO B 164 -0.01 21.71 -4.92
CA PRO B 164 -0.68 20.85 -5.89
C PRO B 164 0.25 20.44 -7.04
N GLU B 165 -0.27 19.58 -7.92
CA GLU B 165 0.49 19.00 -9.04
C GLU B 165 1.14 20.07 -9.93
N ASN B 166 0.43 21.16 -10.19
CA ASN B 166 0.93 22.22 -11.07
C ASN B 166 2.07 23.06 -10.48
N HIS B 167 2.35 22.88 -9.19
CA HIS B 167 3.54 23.48 -8.57
C HIS B 167 4.71 22.51 -8.43
N ILE B 168 4.70 21.39 -9.16
CA ILE B 168 5.75 20.37 -9.04
C ILE B 168 6.30 20.07 -10.44
N VAL B 169 7.59 20.31 -10.67
CA VAL B 169 8.18 20.19 -12.01
C VAL B 169 9.38 19.25 -12.04
N PHE B 170 9.59 18.60 -13.18
CA PHE B 170 10.71 17.71 -13.40
C PHE B 170 11.51 18.22 -14.58
N PRO B 171 12.56 19.02 -14.31
CA PRO B 171 13.32 19.63 -15.39
C PRO B 171 13.85 18.61 -16.40
N VAL B 172 13.86 19.00 -17.67
CA VAL B 172 14.32 18.12 -18.73
C VAL B 172 15.83 18.04 -18.70
N PRO B 173 16.40 16.82 -18.69
CA PRO B 173 17.86 16.63 -18.79
C PRO B 173 18.47 17.28 -20.05
N ILE B 174 19.65 17.88 -19.89
CA ILE B 174 20.41 18.47 -20.99
C ILE B 174 21.89 18.17 -20.80
N ASP B 175 22.69 18.48 -21.82
CA ASP B 175 24.13 18.22 -21.80
C ASP B 175 24.98 19.46 -21.64
N GLN B 176 24.47 20.60 -22.11
CA GLN B 176 25.22 21.86 -22.11
C GLN B 176 25.39 22.38 -20.67
N CYS B 177 26.61 22.80 -20.34
CA CYS B 177 26.94 23.51 -19.10
C CYS B 177 27.05 22.64 -17.85
N ILE B 178 26.10 21.75 -17.66
CA ILE B 178 26.00 20.97 -16.42
C ILE B 178 26.85 19.70 -16.38
N ASP B 179 27.68 19.50 -17.42
CA ASP B 179 28.68 18.42 -17.47
C ASP B 179 30.07 19.03 -17.71
N SER C 7 1.81 -23.54 38.25
CA SER C 7 0.76 -23.69 37.19
C SER C 7 -0.01 -22.38 36.95
N ASP C 8 0.41 -21.27 37.55
CA ASP C 8 -0.26 -19.98 37.30
C ASP C 8 -0.08 -19.57 35.83
N LEU C 9 -1.01 -18.81 35.25
CA LEU C 9 -0.96 -18.52 33.81
C LEU C 9 -1.03 -17.02 33.52
N ILE C 10 -0.34 -16.57 32.50
CA ILE C 10 -0.53 -15.22 32.01
C ILE C 10 -1.94 -15.15 31.42
N PRO C 11 -2.71 -14.11 31.78
CA PRO C 11 -4.13 -14.14 31.37
C PRO C 11 -4.26 -14.04 29.87
N ALA C 12 -5.31 -14.62 29.32
CA ALA C 12 -5.65 -14.36 27.93
C ALA C 12 -6.00 -12.89 27.81
N PRO C 13 -5.57 -12.25 26.72
CA PRO C 13 -5.87 -10.85 26.52
C PRO C 13 -7.35 -10.72 26.15
N PRO C 14 -7.93 -9.53 26.36
CA PRO C 14 -9.27 -9.39 25.83
C PRO C 14 -9.25 -9.48 24.32
N LEU C 15 -10.33 -10.03 23.75
CA LEU C 15 -10.45 -10.20 22.30
C LEU C 15 -10.32 -8.89 21.50
N SER C 16 -10.58 -7.76 22.13
CA SER C 16 -10.38 -6.47 21.47
C SER C 16 -8.94 -6.12 21.11
N LYS C 17 -7.97 -6.81 21.72
CA LYS C 17 -6.55 -6.64 21.38
C LYS C 17 -6.07 -7.60 20.29
N VAL C 18 -6.97 -8.47 19.79
CA VAL C 18 -6.63 -9.45 18.75
C VAL C 18 -7.37 -9.08 17.45
N PRO C 19 -6.69 -8.43 16.49
CA PRO C 19 -7.39 -8.10 15.23
C PRO C 19 -7.90 -9.31 14.50
N LEU C 20 -8.83 -9.06 13.59
CA LEU C 20 -9.37 -10.05 12.70
C LEU C 20 -8.98 -9.64 11.29
N GLN C 21 -8.44 -10.55 10.52
CA GLN C 21 -8.19 -10.28 9.10
C GLN C 21 -9.47 -9.81 8.40
N GLN C 22 -9.41 -8.64 7.79
CA GLN C 22 -10.57 -8.07 7.06
C GLN C 22 -10.85 -8.90 5.80
N ASN C 23 -12.15 -9.18 5.57
CA ASN C 23 -12.63 -9.87 4.38
C ASN C 23 -11.88 -11.19 4.13
N PHE C 24 -11.88 -12.06 5.15
CA PHE C 24 -11.18 -13.33 5.06
C PHE C 24 -11.62 -14.22 3.91
N GLN C 25 -10.64 -14.76 3.18
CA GLN C 25 -10.86 -15.61 2.00
C GLN C 25 -10.53 -17.08 2.29
N ASP C 26 -11.55 -17.85 2.59
CA ASP C 26 -11.34 -19.17 3.15
C ASP C 26 -10.69 -20.13 2.16
N ASN C 27 -11.07 -20.00 0.90
CA ASN C 27 -10.43 -20.76 -0.18
C ASN C 27 -8.93 -20.47 -0.28
N GLN C 28 -8.53 -19.22 -0.14
CA GLN C 28 -7.13 -18.81 -0.30
C GLN C 28 -6.26 -19.21 0.87
N PHE C 29 -6.87 -19.43 2.03
CA PHE C 29 -6.13 -19.76 3.24
C PHE C 29 -5.78 -21.24 3.32
N GLN C 30 -6.35 -22.04 2.44
CA GLN C 30 -6.19 -23.48 2.56
C GLN C 30 -4.81 -23.96 2.10
N GLY C 31 -4.53 -25.25 2.32
CA GLY C 31 -3.21 -25.83 2.09
C GLY C 31 -2.34 -25.89 3.33
N LYS C 32 -1.07 -26.15 3.11
CA LYS C 32 -0.12 -26.39 4.17
C LYS C 32 0.47 -25.07 4.59
N TRP C 33 0.56 -24.89 5.90
CA TRP C 33 1.28 -23.82 6.54
C TRP C 33 2.27 -24.39 7.55
N TYR C 34 3.50 -23.89 7.50
CA TYR C 34 4.51 -24.27 8.45
C TYR C 34 4.47 -23.37 9.67
N VAL C 35 4.65 -23.94 10.86
CA VAL C 35 4.71 -23.12 12.08
C VAL C 35 6.12 -22.58 12.33
N VAL C 36 6.36 -21.37 11.85
CA VAL C 36 7.66 -20.70 11.96
C VAL C 36 7.83 -19.94 13.26
N GLY C 37 6.73 -19.51 13.85
CA GLY C 37 6.79 -18.90 15.17
C GLY C 37 5.67 -19.43 16.00
N LEU C 38 5.90 -19.51 17.30
CA LEU C 38 4.89 -20.01 18.22
C LEU C 38 5.04 -19.35 19.59
N ALA C 39 3.96 -18.77 20.10
CA ALA C 39 3.99 -18.06 21.36
C ALA C 39 2.73 -18.36 22.15
N GLY C 40 2.80 -18.36 23.47
CA GLY C 40 1.61 -18.65 24.22
C GLY C 40 1.85 -18.64 25.69
N ASN C 41 0.79 -18.64 26.48
CA ASN C 41 0.97 -18.64 27.92
C ASN C 41 1.43 -19.95 28.50
N ALA C 42 1.28 -21.03 27.73
CA ALA C 42 1.89 -22.32 28.15
C ALA C 42 3.01 -22.82 27.22
N ILE C 43 3.45 -21.93 26.31
CA ILE C 43 4.59 -22.19 25.45
C ILE C 43 5.83 -21.59 26.11
N LEU C 44 6.87 -22.41 26.29
CA LEU C 44 8.12 -22.02 26.97
C LEU C 44 9.34 -22.43 26.14
N ARG C 45 10.27 -21.51 25.95
CA ARG C 45 11.53 -21.80 25.26
C ARG C 45 12.31 -22.83 26.09
N GLU C 46 12.70 -23.95 25.47
CA GLU C 46 13.61 -24.92 26.11
C GLU C 46 14.90 -25.15 25.27
N ASP C 47 16.00 -24.57 25.75
CA ASP C 47 17.31 -24.65 25.07
C ASP C 47 17.86 -26.07 25.02
N LYS C 48 17.58 -26.86 26.04
CA LYS C 48 18.07 -28.25 26.12
C LYS C 48 17.47 -29.13 25.01
N ASP C 49 16.23 -28.86 24.62
CA ASP C 49 15.53 -29.68 23.59
C ASP C 49 14.59 -28.82 22.74
N PRO C 50 15.14 -27.97 21.86
CA PRO C 50 14.32 -26.92 21.24
C PRO C 50 13.17 -27.44 20.40
N GLN C 51 12.07 -26.70 20.42
CA GLN C 51 10.86 -27.05 19.74
C GLN C 51 11.10 -27.29 18.24
N LYS C 52 10.66 -28.44 17.75
CA LYS C 52 10.75 -28.71 16.33
C LYS C 52 9.56 -28.15 15.59
N MET C 53 9.82 -27.67 14.37
CA MET C 53 8.77 -27.15 13.54
C MET C 53 7.76 -28.23 13.18
N TYR C 54 6.50 -27.82 13.13
CA TYR C 54 5.45 -28.67 12.63
C TYR C 54 4.61 -27.94 11.62
N ALA C 55 3.69 -28.67 11.00
CA ALA C 55 2.86 -28.10 9.97
C ALA C 55 1.39 -28.35 10.26
N THR C 56 0.56 -27.45 9.76
CA THR C 56 -0.87 -27.55 9.86
C THR C 56 -1.51 -27.34 8.48
N ILE C 57 -2.35 -28.29 8.10
CA ILE C 57 -2.93 -28.33 6.77
C ILE C 57 -4.42 -28.09 6.87
N TYR C 58 -4.89 -27.08 6.14
CA TYR C 58 -6.29 -26.69 6.08
C TYR C 58 -6.93 -27.10 4.74
N GLU C 59 -7.93 -27.97 4.76
CA GLU C 59 -8.69 -28.31 3.56
C GLU C 59 -10.15 -27.83 3.70
N LEU C 60 -10.63 -27.00 2.76
CA LEU C 60 -12.02 -26.55 2.78
C LEU C 60 -12.93 -27.68 2.38
N LYS C 61 -13.96 -27.92 3.17
CA LYS C 61 -14.96 -28.93 2.82
C LYS C 61 -16.10 -28.29 2.08
N GLU C 62 -16.89 -29.11 1.42
CA GLU C 62 -18.10 -28.65 0.74
C GLU C 62 -18.90 -27.70 1.64
N ASP C 63 -19.01 -28.00 2.94
CA ASP C 63 -19.81 -27.17 3.87
C ASP C 63 -19.09 -25.99 4.49
N LYS C 64 -17.89 -25.68 4.01
CA LYS C 64 -17.11 -24.49 4.40
C LYS C 64 -16.41 -24.58 5.75
N SER C 65 -16.58 -25.70 6.45
CA SER C 65 -15.75 -25.94 7.60
C SER C 65 -14.41 -26.48 7.04
N TYR C 66 -13.35 -26.39 7.83
CA TYR C 66 -12.02 -26.92 7.44
C TYR C 66 -11.79 -28.30 8.08
N ASN C 67 -11.21 -29.18 7.30
CA ASN C 67 -10.51 -30.29 7.82
C ASN C 67 -9.07 -29.87 8.06
N VAL C 68 -8.61 -30.07 9.27
CA VAL C 68 -7.35 -29.48 9.73
C VAL C 68 -6.51 -30.60 10.27
N THR C 69 -5.35 -30.81 9.66
CA THR C 69 -4.45 -31.87 10.09
C THR C 69 -3.16 -31.23 10.61
N SER C 70 -2.82 -31.51 11.85
CA SER C 70 -1.52 -31.10 12.40
C SER C 70 -0.57 -32.30 12.30
N VAL C 71 0.65 -32.03 11.82
CA VAL C 71 1.69 -33.03 11.63
C VAL C 71 2.94 -32.63 12.41
N LEU C 72 3.34 -33.43 13.39
CA LEU C 72 4.57 -33.21 14.15
C LEU C 72 5.50 -34.42 14.13
N PHE C 73 6.81 -34.21 14.31
CA PHE C 73 7.80 -35.27 14.49
C PHE C 73 8.08 -35.36 15.98
N ARG C 74 7.79 -36.49 16.60
CA ARG C 74 7.81 -36.61 18.06
C ARG C 74 8.10 -38.06 18.44
N LYS C 75 9.16 -38.25 19.23
CA LYS C 75 9.59 -39.58 19.67
C LYS C 75 9.81 -40.50 18.50
N LYS C 76 10.50 -39.97 17.49
CA LYS C 76 10.93 -40.74 16.33
C LYS C 76 9.79 -41.14 15.36
N LYS C 77 8.60 -40.59 15.56
CA LYS C 77 7.45 -40.90 14.71
C LYS C 77 6.79 -39.64 14.20
N CYS C 78 5.95 -39.79 13.16
CA CYS C 78 5.09 -38.72 12.68
C CYS C 78 3.76 -38.85 13.43
N ASP C 79 3.36 -37.76 14.13
CA ASP C 79 2.10 -37.72 14.86
C ASP C 79 1.12 -36.81 14.12
N TYR C 80 -0.15 -37.24 14.10
CA TYR C 80 -1.17 -36.60 13.30
C TYR C 80 -2.36 -36.30 14.19
N TRP C 81 -2.80 -35.04 14.22
CA TRP C 81 -4.03 -34.65 14.88
C TRP C 81 -4.96 -34.19 13.77
N ILE C 82 -6.15 -34.78 13.72
CA ILE C 82 -7.16 -34.43 12.74
C ILE C 82 -8.35 -33.83 13.46
N ARG C 83 -8.65 -32.58 13.10
CA ARG C 83 -9.68 -31.82 13.74
C ARG C 83 -10.54 -31.17 12.66
N THR C 84 -11.68 -30.64 13.08
CA THR C 84 -12.56 -29.90 12.21
C THR C 84 -12.69 -28.48 12.77
N PHE C 85 -12.47 -27.46 11.93
CA PHE C 85 -12.75 -26.07 12.32
C PHE C 85 -14.07 -25.62 11.67
N VAL C 86 -15.04 -25.31 12.51
CA VAL C 86 -16.35 -24.87 12.06
C VAL C 86 -16.31 -23.35 11.99
N PRO C 87 -16.84 -22.74 10.91
CA PRO C 87 -16.85 -21.25 10.84
C PRO C 87 -17.57 -20.65 12.04
N GLY C 88 -17.05 -19.54 12.56
CA GLY C 88 -17.59 -18.90 13.74
C GLY C 88 -18.42 -17.69 13.37
N SER C 89 -18.50 -16.77 14.32
CA SER C 89 -19.38 -15.63 14.23
C SER C 89 -19.03 -14.71 13.04
N GLN C 90 -17.73 -14.56 12.74
CA GLN C 90 -17.24 -13.70 11.66
C GLN C 90 -16.27 -14.48 10.76
N PRO C 91 -16.21 -14.16 9.47
CA PRO C 91 -15.26 -14.84 8.60
C PRO C 91 -13.85 -14.67 9.15
N GLY C 92 -13.12 -15.77 9.19
CA GLY C 92 -11.80 -15.79 9.76
C GLY C 92 -11.75 -16.32 11.17
N GLU C 93 -12.92 -16.50 11.80
CA GLU C 93 -13.00 -17.16 13.10
C GLU C 93 -13.56 -18.58 12.97
N PHE C 94 -13.09 -19.46 13.83
CA PHE C 94 -13.53 -20.83 13.87
C PHE C 94 -13.67 -21.39 15.28
N THR C 95 -14.56 -22.39 15.41
CA THR C 95 -14.67 -23.18 16.63
C THR C 95 -14.28 -24.60 16.28
N LEU C 96 -13.93 -25.38 17.29
CA LEU C 96 -13.57 -26.79 17.11
C LEU C 96 -14.82 -27.61 17.01
N GLY C 97 -14.96 -28.39 15.93
CA GLY C 97 -16.13 -29.30 15.79
C GLY C 97 -16.07 -30.48 16.76
N ASN C 98 -17.23 -31.06 17.04
CA ASN C 98 -17.35 -32.19 17.99
C ASN C 98 -16.43 -32.07 19.19
N ILE C 99 -16.57 -30.95 19.88
CA ILE C 99 -15.75 -30.63 21.04
C ILE C 99 -15.90 -31.60 22.22
N LYS C 100 -17.08 -32.23 22.34
CA LYS C 100 -17.35 -33.16 23.45
C LYS C 100 -16.50 -34.43 23.42
N SER C 101 -15.95 -34.76 22.27
CA SER C 101 -15.04 -35.90 22.16
C SER C 101 -13.59 -35.56 22.60
N TYR C 102 -13.32 -34.30 22.97
CA TYR C 102 -12.02 -33.94 23.56
C TYR C 102 -12.18 -33.79 25.09
N PRO C 103 -11.69 -34.76 25.86
CA PRO C 103 -11.98 -34.69 27.30
C PRO C 103 -11.33 -33.49 28.00
N GLY C 104 -12.09 -32.81 28.85
CA GLY C 104 -11.60 -31.63 29.54
C GLY C 104 -11.83 -30.33 28.80
N LEU C 105 -12.02 -30.40 27.49
CA LEU C 105 -12.05 -29.20 26.65
C LEU C 105 -13.44 -28.60 26.59
N THR C 106 -13.63 -27.40 27.14
CA THR C 106 -14.94 -26.75 27.11
C THR C 106 -15.06 -25.66 26.07
N SER C 107 -13.93 -25.25 25.49
CA SER C 107 -13.93 -24.12 24.60
C SER C 107 -12.67 -24.09 23.79
N TYR C 108 -12.78 -23.67 22.53
CA TYR C 108 -11.64 -23.61 21.60
C TYR C 108 -11.95 -22.63 20.48
N LEU C 109 -11.30 -21.47 20.48
CA LEU C 109 -11.57 -20.42 19.52
C LEU C 109 -10.38 -20.24 18.63
N VAL C 110 -10.64 -19.99 17.36
CA VAL C 110 -9.58 -19.69 16.40
C VAL C 110 -9.89 -18.36 15.74
N ARG C 111 -8.91 -17.46 15.66
CA ARG C 111 -9.07 -16.21 14.96
C ARG C 111 -7.85 -15.85 14.10
N VAL C 112 -8.06 -15.77 12.79
CA VAL C 112 -6.97 -15.40 11.90
C VAL C 112 -6.76 -13.91 12.03
N VAL C 113 -5.54 -13.53 12.44
CA VAL C 113 -5.24 -12.12 12.76
C VAL C 113 -4.91 -11.34 11.52
N SER C 114 -4.02 -11.91 10.70
CA SER C 114 -3.59 -11.29 9.46
C SER C 114 -3.03 -12.36 8.54
N THR C 115 -3.18 -12.17 7.24
CA THR C 115 -2.52 -13.03 6.30
C THR C 115 -2.43 -12.35 4.96
N ASN C 116 -1.44 -12.72 4.18
CA ASN C 116 -1.44 -12.40 2.75
C ASN C 116 -1.65 -13.67 1.90
N TYR C 117 -1.98 -14.78 2.56
CA TYR C 117 -2.39 -16.06 1.92
C TYR C 117 -1.28 -16.88 1.20
N ASN C 118 -0.39 -16.22 0.47
CA ASN C 118 0.63 -16.93 -0.31
CA ASN C 118 0.64 -16.87 -0.34
C ASN C 118 2.01 -16.98 0.34
N GLN C 119 2.16 -16.33 1.49
CA GLN C 119 3.45 -16.33 2.17
C GLN C 119 3.33 -16.52 3.65
N HIS C 120 2.50 -15.71 4.33
CA HIS C 120 2.48 -15.69 5.80
C HIS C 120 1.12 -15.44 6.41
N ALA C 121 1.00 -15.81 7.68
CA ALA C 121 -0.22 -15.56 8.43
C ALA C 121 0.11 -15.60 9.92
N MET C 122 -0.75 -14.96 10.71
CA MET C 122 -0.73 -15.05 12.15
C MET C 122 -2.12 -15.46 12.56
N VAL C 123 -2.20 -16.48 13.42
CA VAL C 123 -3.45 -16.97 13.91
C VAL C 123 -3.40 -17.08 15.42
N PHE C 124 -4.49 -16.64 16.05
CA PHE C 124 -4.66 -16.63 17.49
C PHE C 124 -5.61 -17.77 17.90
N PHE C 125 -5.23 -18.53 18.92
CA PHE C 125 -6.04 -19.62 19.40
C PHE C 125 -6.26 -19.47 20.90
N LYS C 126 -7.48 -19.75 21.35
CA LYS C 126 -7.76 -19.72 22.75
C LYS C 126 -8.56 -20.95 23.11
N LYS C 127 -8.13 -21.65 24.17
CA LYS C 127 -8.88 -22.79 24.66
C LYS C 127 -9.00 -22.80 26.17
N VAL C 128 -10.11 -23.36 26.64
CA VAL C 128 -10.33 -23.59 28.05
C VAL C 128 -10.33 -25.09 28.26
N SER C 129 -9.42 -25.55 29.09
CA SER C 129 -9.19 -26.97 29.28
C SER C 129 -8.93 -27.20 30.76
N GLN C 130 -9.74 -28.04 31.41
CA GLN C 130 -9.70 -28.20 32.85
C GLN C 130 -9.97 -26.83 33.52
N ASN C 131 -10.84 -26.03 32.92
CA ASN C 131 -11.16 -24.68 33.39
C ASN C 131 -9.97 -23.69 33.40
N ARG C 132 -8.89 -24.03 32.68
CA ARG C 132 -7.75 -23.16 32.55
C ARG C 132 -7.72 -22.55 31.16
N GLU C 133 -7.45 -21.26 31.13
CA GLU C 133 -7.54 -20.53 29.89
C GLU C 133 -6.15 -20.39 29.25
N TYR C 134 -5.92 -21.14 28.15
CA TYR C 134 -4.67 -21.11 27.44
C TYR C 134 -4.87 -20.36 26.16
N PHE C 135 -3.79 -19.74 25.69
CA PHE C 135 -3.84 -19.13 24.40
C PHE C 135 -2.48 -19.22 23.76
N LYS C 136 -2.49 -19.24 22.43
CA LYS C 136 -1.28 -19.20 21.71
C LYS C 136 -1.47 -18.47 20.41
N ILE C 137 -0.35 -18.07 19.82
CA ILE C 137 -0.34 -17.38 18.54
C ILE C 137 0.68 -18.11 17.68
N THR C 138 0.28 -18.44 16.46
CA THR C 138 1.19 -19.01 15.53
C THR C 138 1.54 -18.02 14.44
N LEU C 139 2.82 -18.00 14.08
CA LEU C 139 3.27 -17.38 12.85
C LEU C 139 3.40 -18.47 11.81
N TYR C 140 2.59 -18.40 10.77
CA TYR C 140 2.60 -19.37 9.67
C TYR C 140 3.39 -18.88 8.47
N GLY C 141 4.10 -19.76 7.81
CA GLY C 141 4.71 -19.46 6.52
C GLY C 141 4.39 -20.56 5.53
N ARG C 142 4.25 -20.22 4.25
CA ARG C 142 4.10 -21.26 3.21
C ARG C 142 5.43 -22.00 3.00
N THR C 143 6.54 -21.34 3.32
CA THR C 143 7.86 -21.98 3.43
C THR C 143 8.33 -22.05 4.90
N LYS C 144 9.44 -22.73 5.12
CA LYS C 144 9.98 -22.93 6.46
C LYS C 144 10.71 -21.70 7.01
N GLU C 145 11.02 -20.73 6.15
CA GLU C 145 11.69 -19.51 6.55
C GLU C 145 10.81 -18.28 6.33
N LEU C 146 10.95 -17.27 7.18
CA LEU C 146 10.38 -15.92 6.89
C LEU C 146 11.38 -14.84 7.24
N THR C 147 11.11 -13.64 6.74
CA THR C 147 11.98 -12.49 6.96
C THR C 147 12.10 -12.14 8.44
N SER C 148 13.24 -11.53 8.79
CA SER C 148 13.35 -10.76 10.02
C SER C 148 12.12 -9.90 10.31
N GLU C 149 11.65 -9.16 9.32
CA GLU C 149 10.62 -8.16 9.50
C GLU C 149 9.40 -8.81 10.09
N LEU C 150 9.02 -9.95 9.52
CA LEU C 150 7.85 -10.70 9.98
C LEU C 150 8.01 -11.36 11.32
N LYS C 151 9.18 -11.89 11.60
CA LYS C 151 9.44 -12.41 12.92
C LYS C 151 9.32 -11.31 13.97
N GLU C 152 9.91 -10.15 13.70
CA GLU C 152 9.87 -9.03 14.62
C GLU C 152 8.45 -8.55 14.87
N ASN C 153 7.63 -8.51 13.82
CA ASN C 153 6.21 -8.08 13.96
C ASN C 153 5.45 -9.06 14.82
N PHE C 154 5.79 -10.33 14.68
CA PHE C 154 5.19 -11.37 15.48
C PHE C 154 5.60 -11.32 16.94
N ILE C 155 6.86 -10.98 17.20
CA ILE C 155 7.33 -10.79 18.56
C ILE C 155 6.60 -9.59 19.19
N ARG C 156 6.49 -8.48 18.44
CA ARG C 156 5.83 -7.30 18.96
C ARG C 156 4.38 -7.58 19.27
N PHE C 157 3.71 -8.32 18.39
CA PHE C 157 2.31 -8.65 18.58
C PHE C 157 2.08 -9.57 19.78
N SER C 158 2.90 -10.61 19.90
CA SER C 158 2.88 -11.46 21.08
C SER C 158 3.08 -10.70 22.38
N LYS C 159 4.07 -9.81 22.42
CA LYS C 159 4.27 -8.95 23.61
C LYS C 159 3.06 -8.02 23.84
N SER C 160 2.46 -7.50 22.78
CA SER C 160 1.29 -6.63 22.97
C SER C 160 0.14 -7.39 23.70
N LEU C 161 0.16 -8.73 23.62
CA LEU C 161 -0.83 -9.56 24.31
C LEU C 161 -0.37 -10.03 25.68
N GLY C 162 0.76 -9.50 26.15
CA GLY C 162 1.21 -9.73 27.54
C GLY C 162 2.27 -10.83 27.69
N LEU C 163 2.78 -11.37 26.58
CA LEU C 163 3.75 -12.46 26.65
C LEU C 163 5.20 -11.95 26.67
N PRO C 164 6.01 -12.46 27.60
CA PRO C 164 7.42 -12.07 27.58
C PRO C 164 8.22 -12.94 26.60
N GLU C 165 9.49 -12.57 26.43
CA GLU C 165 10.40 -13.19 25.46
C GLU C 165 10.47 -14.70 25.59
N ASN C 166 10.52 -15.20 26.82
CA ASN C 166 10.65 -16.64 27.04
C ASN C 166 9.40 -17.45 26.70
N HIS C 167 8.29 -16.76 26.43
CA HIS C 167 7.09 -17.44 25.90
C HIS C 167 6.95 -17.33 24.39
N ILE C 168 8.04 -17.00 23.68
CA ILE C 168 7.98 -16.84 22.22
C ILE C 168 9.09 -17.68 21.58
N VAL C 169 8.71 -18.63 20.74
CA VAL C 169 9.68 -19.59 20.20
C VAL C 169 9.64 -19.65 18.67
N PHE C 170 10.77 -19.98 18.07
CA PHE C 170 10.91 -20.13 16.62
C PHE C 170 11.37 -21.56 16.37
N PRO C 171 10.42 -22.46 16.12
CA PRO C 171 10.73 -23.85 15.90
C PRO C 171 11.77 -24.07 14.83
N VAL C 172 12.64 -25.03 15.09
CA VAL C 172 13.76 -25.31 14.23
C VAL C 172 13.19 -26.09 13.05
N PRO C 173 13.48 -25.62 11.81
CA PRO C 173 13.12 -26.38 10.60
C PRO C 173 13.62 -27.81 10.61
N ILE C 174 12.80 -28.74 10.13
CA ILE C 174 13.17 -30.13 9.97
C ILE C 174 12.61 -30.66 8.65
N ASP C 175 13.03 -31.86 8.28
CA ASP C 175 12.59 -32.50 7.06
C ASP C 175 11.61 -33.64 7.29
N GLN C 176 11.68 -34.29 8.45
CA GLN C 176 10.86 -35.46 8.73
C GLN C 176 9.39 -35.06 8.91
N CYS C 177 8.49 -35.81 8.28
CA CYS C 177 7.03 -35.72 8.46
C CYS C 177 6.34 -34.55 7.76
N ILE C 178 6.90 -33.35 7.85
CA ILE C 178 6.25 -32.13 7.35
C ILE C 178 6.43 -31.74 5.87
N ASP C 179 7.06 -32.59 5.06
CA ASP C 179 7.18 -32.30 3.62
C ASP C 179 6.30 -33.25 2.81
TH TH D . -22.27 2.36 -13.58
O6 EB4 E . -20.22 1.51 -15.14
C6 EB4 E . -19.58 2.53 -15.75
C9 EB4 E . -18.55 2.16 -16.59
O3 EB4 E . -20.86 4.33 -14.80
N3 EB4 E . -20.67 6.72 -15.71
C3 EB4 E . -19.86 3.87 -15.57
C12 EB4 E . -17.81 3.12 -17.24
C15 EB4 E . -18.10 4.46 -17.07
C30 EB4 E . -22.45 8.15 -16.68
C24 EB4 E . -21.17 8.10 -15.85
C21 EB4 E . -19.46 6.31 -16.10
C18 EB4 E . -19.12 4.85 -16.23
O9 EB4 E . -18.61 7.08 -16.48
C27 EB4 E . -21.44 8.71 -14.51
O12 EB4 E . -21.96 8.00 -13.68
TH TH F . 16.44 32.43 -5.45
TH TH G . -2.82 -28.03 20.71
O5 EB4 H . -4.15 -25.39 20.35
C5 EB4 H . -3.86 -24.70 21.46
C2 EB4 H . -2.91 -25.04 22.41
C8 EB4 H . -4.54 -23.47 21.54
N2 EB4 H . -1.45 -25.85 24.70
C11 EB4 H . -4.31 -22.64 22.61
O2 EB4 H . -2.18 -26.17 22.41
C14 EB4 H . -3.39 -22.97 23.56
O13 EB4 H . -0.31 -28.71 24.95
C26 EB4 H . 0.06 -27.54 25.27
O11 EB4 H . 1.41 -27.04 25.02
C23 EB4 H . -0.86 -26.52 25.86
C29 EB4 H . -1.90 -27.18 26.76
C20 EB4 H . -1.74 -24.54 24.58
O8 EB4 H . -1.47 -23.71 25.42
C17 EB4 H . -2.67 -24.16 23.46
S SO4 I . 7.41 -16.36 33.27
O1 SO4 I . 8.44 -15.48 32.64
O2 SO4 I . 7.44 -17.73 32.67
O3 SO4 I . 6.11 -15.64 33.19
O4 SO4 I . 7.76 -16.59 34.71
#